data_9BRN
#
_entry.id   9BRN
#
_cell.length_a   138.047
_cell.length_b   138.047
_cell.length_c   71.130
_cell.angle_alpha   90.000
_cell.angle_beta   90.000
_cell.angle_gamma   90.000
#
_symmetry.space_group_name_H-M   'P 41 21 2'
#
loop_
_entity.id
_entity.type
_entity.pdbx_description
1 polymer 'G protein-coupled receptor kinase 5'
2 non-polymer (3Z)-3-[(4-{[2-(dimethylamino)ethyl]carbamoyl}-3,5-dimethyl-1H-pyrrol-2-yl)methylidene]-2-oxo-N-[(1R)-1-phenylethyl]-3,7-dihydro-2H-indole-5-carboxamide
3 water water
#
_entity_poly.entity_id   1
_entity_poly.type   'polypeptide(L)'
_entity_poly.pdbx_seq_one_letter_code
;MELENIVANTVLLKAREGGGGKRKGKSKKWKEILKFPHISQCEDLRRTIDRDYCSLCDKQPIGRLLFRQFCETRPGLECY
IQFLDSVAEYEVTPDEKLGEKGKEIMTKYLTPKSPVFIAQVGQDLVSQTEEKLLQKPCKELFSACAQSVHEYLRGEPFHE
YLDSMFFDRFLQWKWLERQPVTKNTFRQYRVLGKGGFGEVCACQVRATGKMYACKRLEKKRIKKRKGESMALNEKQILEK
VNSQFVVNLAYAYETKDALCLVLTIMNGGDLKFHIYNMGNPGFEEERALFYAAEILCGLEDLHRENTVYRNLKPENILLD
DYGHIRISDLGLAVKIPEGDLIRGRVGTVGYMAPEVLNNQRYGLSPDYWGLGCLIYEMIEGQSPFRGRKEKVKREEVDRR
VLETEEVYSHKFSEEAKSICKMLLTKDAKQRLGCQEEGAAEVKRHPFFRNMNFKRLEAGMLDPPFVPDPRAVYCKDVLDI
EQFSTVKGVNLDHTDDDFYSKFSTGSVSIPWQNEMIETECFKELNVFGPNGTLPPDLNRNHPPEPPKKGLLQRLFKRQHQ
NNSKSSPSSKTSFNHHINSNHVSSNSTGSSVDHHHHHH
;
_entity_poly.pdbx_strand_id   A
#
# COMPACT_ATOMS: atom_id res chain seq x y z
N GLY A 25 -13.14 20.18 -4.11
CA GLY A 25 -13.39 21.15 -5.17
C GLY A 25 -13.45 20.51 -6.53
N LYS A 26 -14.57 19.86 -6.85
CA LYS A 26 -14.76 19.18 -8.11
C LYS A 26 -15.24 20.15 -9.18
N SER A 27 -14.67 20.01 -10.38
CA SER A 27 -14.97 20.93 -11.47
C SER A 27 -16.47 21.04 -11.68
N LYS A 28 -16.90 22.25 -12.06
CA LYS A 28 -18.33 22.52 -12.22
C LYS A 28 -19.02 21.48 -13.10
N LYS A 29 -18.30 20.94 -14.09
CA LYS A 29 -18.89 19.97 -15.00
C LYS A 29 -18.21 18.61 -14.83
N TRP A 30 -18.05 18.17 -13.58
CA TRP A 30 -17.40 16.88 -13.34
C TRP A 30 -18.31 15.72 -13.72
N LYS A 31 -19.63 15.90 -13.59
CA LYS A 31 -20.56 14.84 -13.98
C LYS A 31 -20.58 14.61 -15.49
N GLU A 32 -20.14 15.61 -16.28
CA GLU A 32 -19.99 15.39 -17.71
C GLU A 32 -18.68 14.69 -18.04
N ILE A 33 -17.62 14.97 -17.27
CA ILE A 33 -16.33 14.34 -17.51
C ILE A 33 -16.40 12.85 -17.18
N LEU A 34 -16.95 12.51 -16.01
CA LEU A 34 -17.12 11.12 -15.60
C LEU A 34 -18.45 10.54 -16.07
N LYS A 35 -19.11 11.18 -17.02
CA LYS A 35 -20.36 10.65 -17.57
C LYS A 35 -20.14 9.22 -18.08
N PHE A 36 -20.97 8.31 -17.61
CA PHE A 36 -20.85 6.92 -18.07
C PHE A 36 -21.03 6.86 -19.58
N PRO A 37 -20.20 6.09 -20.29
CA PRO A 37 -20.51 5.78 -21.69
C PRO A 37 -21.68 4.81 -21.76
N HIS A 38 -22.26 4.72 -22.96
CA HIS A 38 -23.29 3.71 -23.19
C HIS A 38 -22.64 2.34 -23.24
N ILE A 39 -23.33 1.35 -22.65
CA ILE A 39 -22.75 0.01 -22.53
C ILE A 39 -22.23 -0.49 -23.87
N SER A 40 -22.81 -0.02 -24.97
CA SER A 40 -22.36 -0.44 -26.29
C SER A 40 -20.96 0.05 -26.62
N GLN A 41 -20.40 0.99 -25.85
CA GLN A 41 -19.03 1.41 -26.06
C GLN A 41 -18.02 0.46 -25.43
N CYS A 42 -18.45 -0.40 -24.50
CA CYS A 42 -17.56 -1.24 -23.72
C CYS A 42 -17.44 -2.64 -24.28
N GLU A 43 -17.93 -2.89 -25.48
CA GLU A 43 -17.93 -4.26 -26.00
C GLU A 43 -16.51 -4.81 -26.11
N ASP A 44 -15.57 -3.99 -26.60
CA ASP A 44 -14.18 -4.44 -26.68
C ASP A 44 -13.62 -4.77 -25.30
N LEU A 45 -14.07 -4.04 -24.27
CA LEU A 45 -13.65 -4.35 -22.91
C LEU A 45 -14.21 -5.69 -22.45
N ARG A 46 -15.48 -5.96 -22.77
CA ARG A 46 -16.13 -7.17 -22.26
C ARG A 46 -15.36 -8.43 -22.65
N ARG A 47 -14.72 -8.43 -23.81
CA ARG A 47 -14.03 -9.61 -24.32
C ARG A 47 -12.52 -9.56 -24.16
N THR A 48 -11.99 -8.53 -23.48
CA THR A 48 -10.57 -8.49 -23.15
C THR A 48 -10.30 -8.51 -21.66
N ILE A 49 -11.22 -8.02 -20.83
CA ILE A 49 -11.05 -8.08 -19.39
C ILE A 49 -11.11 -9.55 -18.95
N ASP A 50 -10.03 -10.04 -18.36
CA ASP A 50 -10.01 -11.41 -17.87
C ASP A 50 -10.95 -11.54 -16.67
N ARG A 51 -11.76 -12.59 -16.67
CA ARG A 51 -12.83 -12.77 -15.68
C ARG A 51 -12.31 -13.59 -14.50
N ASP A 52 -11.43 -12.95 -13.74
CA ASP A 52 -10.87 -13.53 -12.53
C ASP A 52 -11.67 -13.07 -11.33
N TYR A 53 -12.17 -14.02 -10.54
CA TYR A 53 -13.02 -13.68 -9.40
C TYR A 53 -12.31 -12.76 -8.43
N CYS A 54 -11.11 -13.15 -7.96
CA CYS A 54 -10.41 -12.33 -6.98
C CYS A 54 -10.14 -10.93 -7.50
N SER A 55 -9.95 -10.78 -8.81
CA SER A 55 -9.67 -9.47 -9.38
C SER A 55 -10.92 -8.61 -9.46
N LEU A 56 -11.98 -9.14 -10.08
CA LEU A 56 -13.17 -8.33 -10.35
C LEU A 56 -14.05 -8.13 -9.13
N CYS A 57 -13.91 -8.97 -8.10
CA CYS A 57 -14.80 -8.90 -6.94
C CYS A 57 -14.07 -8.58 -5.64
N ASP A 58 -12.76 -8.43 -5.65
CA ASP A 58 -12.03 -8.18 -4.40
C ASP A 58 -10.92 -7.16 -4.58
N LYS A 59 -9.91 -7.47 -5.41
CA LYS A 59 -8.78 -6.56 -5.55
C LYS A 59 -9.24 -5.19 -6.05
N GLN A 60 -10.01 -5.16 -7.13
CA GLN A 60 -10.44 -3.89 -7.70
C GLN A 60 -11.51 -3.26 -6.81
N PRO A 61 -11.27 -2.09 -6.22
CA PRO A 61 -12.25 -1.53 -5.27
C PRO A 61 -13.65 -1.42 -5.84
N ILE A 62 -13.79 -0.89 -7.06
CA ILE A 62 -15.11 -0.62 -7.61
C ILE A 62 -15.81 -1.90 -8.03
N GLY A 63 -15.05 -2.88 -8.54
CA GLY A 63 -15.65 -4.18 -8.80
C GLY A 63 -16.12 -4.84 -7.51
N ARG A 64 -15.31 -4.77 -6.47
CA ARG A 64 -15.69 -5.33 -5.18
C ARG A 64 -17.04 -4.80 -4.72
N LEU A 65 -17.20 -3.47 -4.71
CA LEU A 65 -18.48 -2.88 -4.31
C LEU A 65 -19.61 -3.37 -5.21
N LEU A 66 -19.39 -3.38 -6.53
CA LEU A 66 -20.45 -3.75 -7.46
C LEU A 66 -20.90 -5.19 -7.22
N PHE A 67 -19.95 -6.12 -7.06
CA PHE A 67 -20.33 -7.50 -6.78
C PHE A 67 -21.10 -7.59 -5.46
N ARG A 68 -20.62 -6.91 -4.44
CA ARG A 68 -21.36 -6.85 -3.17
C ARG A 68 -22.75 -6.29 -3.38
N GLN A 69 -22.89 -5.32 -4.29
CA GLN A 69 -24.21 -4.76 -4.56
C GLN A 69 -25.08 -5.75 -5.33
N PHE A 70 -24.48 -6.55 -6.20
CA PHE A 70 -25.23 -7.61 -6.88
C PHE A 70 -25.77 -8.62 -5.88
N CYS A 71 -24.91 -9.08 -4.96
CA CYS A 71 -25.37 -10.03 -3.95
C CYS A 71 -26.46 -9.45 -3.08
N GLU A 72 -26.53 -8.12 -2.97
CA GLU A 72 -27.56 -7.45 -2.17
C GLU A 72 -28.94 -7.53 -2.81
N THR A 73 -29.04 -7.92 -4.08
CA THR A 73 -30.32 -8.06 -4.76
C THR A 73 -30.84 -9.49 -4.73
N ARG A 74 -30.12 -10.40 -4.08
CA ARG A 74 -30.54 -11.79 -3.97
C ARG A 74 -30.71 -12.18 -2.50
N PRO A 75 -31.73 -12.98 -2.17
CA PRO A 75 -31.88 -13.36 -0.76
C PRO A 75 -30.78 -14.27 -0.28
N GLY A 76 -30.40 -15.27 -1.09
CA GLY A 76 -29.45 -16.26 -0.63
C GLY A 76 -28.04 -15.72 -0.52
N LEU A 77 -27.64 -14.85 -1.45
CA LEU A 77 -26.27 -14.35 -1.43
C LEU A 77 -26.05 -13.33 -0.33
N GLU A 78 -27.11 -12.65 0.11
CA GLU A 78 -26.96 -11.55 1.05
C GLU A 78 -26.19 -11.98 2.30
N CYS A 79 -26.63 -13.06 2.94
CA CYS A 79 -26.03 -13.46 4.21
C CYS A 79 -24.55 -13.79 4.04
N TYR A 80 -24.13 -14.23 2.85
CA TYR A 80 -22.73 -14.57 2.65
C TYR A 80 -21.84 -13.34 2.71
N ILE A 81 -22.34 -12.18 2.28
CA ILE A 81 -21.55 -10.96 2.37
C ILE A 81 -21.51 -10.46 3.80
N GLN A 82 -22.63 -10.53 4.51
CA GLN A 82 -22.66 -10.09 5.90
C GLN A 82 -21.71 -10.92 6.76
N PHE A 83 -21.65 -12.23 6.50
CA PHE A 83 -20.77 -13.10 7.27
C PHE A 83 -19.30 -12.74 7.06
N LEU A 84 -18.91 -12.52 5.81
CA LEU A 84 -17.52 -12.13 5.55
C LEU A 84 -17.19 -10.81 6.25
N ASP A 85 -18.13 -9.87 6.28
CA ASP A 85 -17.90 -8.62 6.99
C ASP A 85 -17.67 -8.87 8.48
N SER A 86 -18.48 -9.74 9.09
CA SER A 86 -18.33 -10.00 10.52
C SER A 86 -17.05 -10.77 10.82
N VAL A 87 -16.58 -11.60 9.88
CA VAL A 87 -15.30 -12.26 10.07
C VAL A 87 -14.17 -11.24 9.99
N ALA A 88 -14.32 -10.22 9.13
CA ALA A 88 -13.30 -9.17 9.08
C ALA A 88 -13.20 -8.44 10.40
N GLU A 89 -14.35 -8.15 11.03
CA GLU A 89 -14.33 -7.51 12.34
C GLU A 89 -13.70 -8.42 13.38
N TYR A 90 -13.96 -9.73 13.30
CA TYR A 90 -13.40 -10.66 14.27
C TYR A 90 -11.87 -10.61 14.27
N GLU A 91 -11.26 -10.49 13.09
CA GLU A 91 -9.81 -10.56 13.00
C GLU A 91 -9.13 -9.40 13.69
N VAL A 92 -9.75 -8.22 13.68
CA VAL A 92 -9.18 -7.04 14.32
C VAL A 92 -9.76 -6.81 15.72
N THR A 93 -10.60 -7.70 16.21
CA THR A 93 -11.16 -7.53 17.54
C THR A 93 -10.07 -7.77 18.60
N PRO A 94 -10.06 -6.99 19.68
CA PRO A 94 -9.09 -7.25 20.76
C PRO A 94 -9.14 -8.68 21.25
N ASP A 95 -8.04 -9.16 21.84
CA ASP A 95 -8.00 -10.55 22.29
C ASP A 95 -9.04 -10.81 23.37
N GLU A 96 -9.07 -9.96 24.40
CA GLU A 96 -10.01 -10.18 25.50
C GLU A 96 -11.47 -10.09 25.04
N LYS A 97 -11.73 -9.52 23.87
CA LYS A 97 -13.08 -9.40 23.33
C LYS A 97 -13.35 -10.43 22.23
N LEU A 98 -12.48 -11.42 22.08
CA LEU A 98 -12.55 -12.33 20.92
C LEU A 98 -13.57 -13.44 21.14
N GLY A 99 -13.61 -14.02 22.34
CA GLY A 99 -14.62 -15.03 22.63
C GLY A 99 -16.03 -14.48 22.54
N GLU A 100 -16.21 -13.20 22.87
CA GLU A 100 -17.53 -12.58 22.76
C GLU A 100 -17.91 -12.39 21.30
N LYS A 101 -17.00 -11.85 20.49
CA LYS A 101 -17.29 -11.65 19.08
C LYS A 101 -17.50 -12.98 18.36
N GLY A 102 -16.71 -13.99 18.72
CA GLY A 102 -16.84 -15.28 18.06
C GLY A 102 -18.19 -15.91 18.28
N LYS A 103 -18.66 -15.91 19.52
CA LYS A 103 -19.97 -16.48 19.82
C LYS A 103 -21.07 -15.79 19.00
N GLU A 104 -21.02 -14.46 18.92
CA GLU A 104 -22.04 -13.71 18.19
C GLU A 104 -22.12 -14.17 16.73
N ILE A 105 -20.97 -14.36 16.09
CA ILE A 105 -20.96 -14.75 14.68
C ILE A 105 -21.64 -16.09 14.49
N MET A 106 -21.34 -17.05 15.38
CA MET A 106 -21.91 -18.39 15.24
C MET A 106 -23.42 -18.37 15.45
N THR A 107 -23.86 -17.79 16.56
CA THR A 107 -25.30 -17.73 16.83
C THR A 107 -26.06 -17.02 15.73
N LYS A 108 -25.39 -16.17 14.95
CA LYS A 108 -26.06 -15.39 13.92
C LYS A 108 -26.03 -16.07 12.56
N TYR A 109 -24.89 -16.61 12.16
CA TYR A 109 -24.71 -17.14 10.81
C TYR A 109 -24.62 -18.65 10.74
N LEU A 110 -24.09 -19.31 11.75
CA LEU A 110 -23.82 -20.74 11.71
C LEU A 110 -24.80 -21.55 12.54
N THR A 111 -25.97 -20.98 12.87
CA THR A 111 -27.04 -21.73 13.51
C THR A 111 -28.01 -22.24 12.45
N PRO A 112 -28.36 -23.53 12.46
CA PRO A 112 -29.17 -24.07 11.36
C PRO A 112 -30.53 -23.37 11.22
N LYS A 113 -31.06 -22.78 12.29
CA LYS A 113 -32.35 -22.12 12.24
C LYS A 113 -32.26 -20.63 11.96
N SER A 114 -31.06 -20.05 11.97
CA SER A 114 -30.89 -18.61 11.76
C SER A 114 -31.58 -18.17 10.47
N PRO A 115 -32.09 -16.94 10.42
CA PRO A 115 -32.65 -16.46 9.15
C PRO A 115 -31.59 -16.25 8.09
N VAL A 116 -30.38 -15.85 8.49
CA VAL A 116 -29.27 -15.65 7.58
C VAL A 116 -28.21 -16.73 7.85
N PHE A 117 -28.60 -18.00 7.68
CA PHE A 117 -27.72 -19.13 7.95
C PHE A 117 -26.88 -19.44 6.71
N ILE A 118 -25.57 -19.60 6.91
CA ILE A 118 -24.65 -19.95 5.83
C ILE A 118 -24.70 -21.46 5.63
N ALA A 119 -25.08 -21.89 4.43
CA ALA A 119 -25.38 -23.30 4.16
C ALA A 119 -24.26 -24.05 3.45
N GLN A 120 -23.52 -23.39 2.56
CA GLN A 120 -22.48 -24.10 1.81
C GLN A 120 -21.33 -24.56 2.70
N VAL A 121 -21.12 -23.92 3.84
CA VAL A 121 -20.24 -24.48 4.86
C VAL A 121 -20.93 -25.71 5.44
N GLY A 122 -20.44 -26.89 5.05
CA GLY A 122 -21.11 -28.12 5.44
C GLY A 122 -21.25 -28.26 6.94
N GLN A 123 -22.16 -29.16 7.33
CA GLN A 123 -22.38 -29.40 8.76
C GLN A 123 -21.12 -29.90 9.45
N ASP A 124 -20.16 -30.46 8.70
CA ASP A 124 -18.90 -30.92 9.26
C ASP A 124 -17.86 -29.81 9.36
N LEU A 125 -18.23 -28.57 9.05
CA LEU A 125 -17.37 -27.42 9.29
C LEU A 125 -17.95 -26.44 10.30
N VAL A 126 -19.27 -26.43 10.49
CA VAL A 126 -19.86 -25.66 11.58
C VAL A 126 -19.70 -26.41 12.91
N SER A 127 -19.83 -27.73 12.87
CA SER A 127 -19.56 -28.54 14.06
C SER A 127 -18.07 -28.54 14.40
N GLN A 128 -17.21 -28.19 13.45
CA GLN A 128 -15.78 -28.09 13.71
C GLN A 128 -15.44 -26.78 14.40
N THR A 129 -15.82 -25.65 13.80
CA THR A 129 -15.53 -24.35 14.42
C THR A 129 -16.24 -24.19 15.75
N GLU A 130 -17.28 -24.99 16.02
CA GLU A 130 -17.87 -25.00 17.35
C GLU A 130 -16.86 -25.43 18.41
N GLU A 131 -15.97 -26.37 18.05
CA GLU A 131 -14.98 -26.84 19.01
C GLU A 131 -13.91 -25.78 19.28
N LYS A 132 -13.53 -25.01 18.25
CA LYS A 132 -12.55 -23.95 18.46
C LYS A 132 -13.04 -22.95 19.50
N LEU A 133 -14.35 -22.74 19.60
CA LEU A 133 -14.89 -21.83 20.60
C LEU A 133 -15.06 -22.53 21.95
N LEU A 134 -15.28 -23.85 21.96
CA LEU A 134 -15.22 -24.61 23.19
C LEU A 134 -13.82 -24.57 23.82
N GLN A 135 -12.83 -24.08 23.08
CA GLN A 135 -11.46 -23.92 23.56
C GLN A 135 -11.10 -22.43 23.47
N LYS A 136 -9.81 -22.14 23.68
CA LYS A 136 -9.35 -20.77 23.56
C LYS A 136 -9.65 -20.25 22.15
N PRO A 137 -9.87 -18.93 22.01
CA PRO A 137 -10.15 -18.38 20.68
C PRO A 137 -8.90 -17.91 19.97
N CYS A 138 -8.90 -18.09 18.65
CA CYS A 138 -7.84 -17.62 17.77
C CYS A 138 -8.42 -16.59 16.81
N LYS A 139 -7.57 -15.68 16.34
CA LYS A 139 -8.01 -14.63 15.43
C LYS A 139 -8.39 -15.17 14.06
N GLU A 140 -7.98 -16.40 13.73
CA GLU A 140 -8.27 -17.03 12.45
C GLU A 140 -9.29 -18.14 12.59
N LEU A 141 -10.12 -18.09 13.64
CA LEU A 141 -11.08 -19.16 13.89
C LEU A 141 -12.02 -19.37 12.70
N PHE A 142 -12.45 -18.28 12.08
CA PHE A 142 -13.38 -18.33 10.96
C PHE A 142 -12.70 -18.32 9.60
N SER A 143 -11.38 -18.37 9.57
CA SER A 143 -10.68 -18.39 8.28
C SER A 143 -11.04 -19.64 7.49
N ALA A 144 -11.22 -20.77 8.18
CA ALA A 144 -11.64 -21.99 7.51
C ALA A 144 -12.97 -21.79 6.80
N CYS A 145 -13.97 -21.30 7.53
CA CYS A 145 -15.29 -21.08 6.94
C CYS A 145 -15.23 -20.06 5.81
N ALA A 146 -14.62 -18.90 6.09
CA ALA A 146 -14.61 -17.81 5.12
C ALA A 146 -14.15 -18.29 3.76
N GLN A 147 -13.16 -19.19 3.72
CA GLN A 147 -12.69 -19.72 2.45
C GLN A 147 -13.78 -20.53 1.78
N SER A 148 -14.43 -21.42 2.53
CA SER A 148 -15.55 -22.17 1.97
C SER A 148 -16.58 -21.23 1.38
N VAL A 149 -16.73 -20.03 1.96
CA VAL A 149 -17.67 -19.06 1.42
C VAL A 149 -17.20 -18.57 0.05
N HIS A 150 -15.94 -18.16 -0.05
CA HIS A 150 -15.42 -17.66 -1.32
C HIS A 150 -15.39 -18.75 -2.38
N GLU A 151 -15.26 -20.01 -1.97
CA GLU A 151 -15.32 -21.10 -2.94
C GLU A 151 -16.72 -21.19 -3.55
N TYR A 152 -17.76 -20.85 -2.80
CA TYR A 152 -19.11 -20.87 -3.35
C TYR A 152 -19.37 -19.66 -4.24
N LEU A 153 -18.87 -18.49 -3.84
CA LEU A 153 -19.12 -17.29 -4.62
C LEU A 153 -18.35 -17.32 -5.94
N ARG A 154 -17.12 -17.85 -5.93
CA ARG A 154 -16.35 -17.98 -7.16
C ARG A 154 -17.12 -18.76 -8.22
N GLY A 155 -18.01 -19.65 -7.81
CA GLY A 155 -18.75 -20.48 -8.73
C GLY A 155 -19.99 -19.80 -9.28
N GLU A 156 -21.16 -20.33 -8.93
CA GLU A 156 -22.40 -19.86 -9.55
C GLU A 156 -22.60 -18.36 -9.38
N PRO A 157 -22.64 -17.80 -8.17
CA PRO A 157 -22.96 -16.36 -8.03
C PRO A 157 -22.07 -15.45 -8.87
N PHE A 158 -20.76 -15.75 -8.94
CA PHE A 158 -19.86 -14.90 -9.72
C PHE A 158 -20.26 -14.88 -11.19
N HIS A 159 -20.62 -16.04 -11.74
CA HIS A 159 -20.98 -16.09 -13.16
C HIS A 159 -22.36 -15.49 -13.42
N GLU A 160 -23.24 -15.44 -12.41
CA GLU A 160 -24.47 -14.69 -12.56
C GLU A 160 -24.19 -13.19 -12.59
N TYR A 161 -23.34 -12.72 -11.68
CA TYR A 161 -22.95 -11.31 -11.68
C TYR A 161 -22.36 -10.89 -13.01
N LEU A 162 -21.58 -11.78 -13.64
CA LEU A 162 -20.96 -11.44 -14.91
C LEU A 162 -22.00 -11.13 -15.98
N ASP A 163 -23.20 -11.71 -15.87
CA ASP A 163 -24.27 -11.45 -16.81
C ASP A 163 -25.36 -10.55 -16.21
N SER A 164 -24.98 -9.71 -15.24
CA SER A 164 -25.90 -8.77 -14.62
C SER A 164 -25.54 -7.34 -15.02
N MET A 165 -26.47 -6.43 -14.76
CA MET A 165 -26.22 -5.02 -15.06
C MET A 165 -25.06 -4.46 -14.25
N PHE A 166 -24.76 -5.05 -13.09
CA PHE A 166 -23.70 -4.53 -12.25
C PHE A 166 -22.33 -4.73 -12.87
N PHE A 167 -22.15 -5.82 -13.62
CA PHE A 167 -20.90 -6.00 -14.34
C PHE A 167 -20.83 -5.07 -15.55
N ASP A 168 -21.96 -4.92 -16.26
CA ASP A 168 -22.02 -3.89 -17.30
C ASP A 168 -21.66 -2.52 -16.73
N ARG A 169 -22.10 -2.24 -15.50
CA ARG A 169 -21.73 -0.99 -14.84
C ARG A 169 -20.23 -0.97 -14.55
N PHE A 170 -19.66 -2.11 -14.17
CA PHE A 170 -18.22 -2.19 -13.97
C PHE A 170 -17.47 -1.86 -15.26
N LEU A 171 -17.93 -2.41 -16.39
CA LEU A 171 -17.28 -2.13 -17.66
C LEU A 171 -17.29 -0.63 -17.96
N GLN A 172 -18.38 0.05 -17.62
CA GLN A 172 -18.41 1.50 -17.79
C GLN A 172 -17.33 2.17 -16.96
N TRP A 173 -17.21 1.77 -15.69
CA TRP A 173 -16.17 2.37 -14.84
C TRP A 173 -14.77 2.09 -15.37
N LYS A 174 -14.55 0.89 -15.91
CA LYS A 174 -13.26 0.62 -16.54
C LYS A 174 -13.03 1.53 -17.73
N TRP A 175 -14.08 1.72 -18.55
CA TRP A 175 -13.97 2.58 -19.72
C TRP A 175 -13.48 3.97 -19.32
N LEU A 176 -14.04 4.54 -18.25
CA LEU A 176 -13.56 5.83 -17.76
C LEU A 176 -12.12 5.71 -17.27
N GLU A 177 -11.81 4.67 -16.50
CA GLU A 177 -10.47 4.49 -15.97
C GLU A 177 -9.42 4.55 -17.06
N ARG A 178 -9.67 3.91 -18.20
CA ARG A 178 -8.69 3.85 -19.28
C ARG A 178 -8.66 5.12 -20.13
N GLN A 179 -9.46 6.14 -19.82
CA GLN A 179 -9.43 7.35 -20.62
C GLN A 179 -8.04 7.98 -20.54
N PRO A 180 -7.60 8.63 -21.61
CA PRO A 180 -6.26 9.23 -21.61
C PRO A 180 -6.14 10.27 -20.50
N VAL A 181 -4.97 10.32 -19.89
CA VAL A 181 -4.67 11.27 -18.83
C VAL A 181 -3.77 12.34 -19.42
N THR A 182 -4.28 13.56 -19.50
CA THR A 182 -3.54 14.69 -20.02
C THR A 182 -3.15 15.59 -18.85
N LYS A 183 -2.87 16.86 -19.17
CA LYS A 183 -2.40 17.84 -18.20
C LYS A 183 -3.53 18.68 -17.66
N ASN A 184 -4.57 18.90 -18.49
CA ASN A 184 -5.84 19.45 -18.03
C ASN A 184 -6.58 18.50 -17.11
N THR A 185 -6.12 17.24 -17.00
CA THR A 185 -6.69 16.35 -16.01
C THR A 185 -6.42 16.84 -14.60
N PHE A 186 -5.27 17.50 -14.40
CA PHE A 186 -4.82 17.92 -13.10
C PHE A 186 -4.86 19.44 -12.97
N ARG A 187 -4.27 19.95 -11.88
CA ARG A 187 -4.34 21.37 -11.54
C ARG A 187 -3.20 21.64 -10.57
N GLN A 188 -2.06 22.08 -11.09
CA GLN A 188 -0.87 22.29 -10.28
C GLN A 188 -1.10 23.44 -9.30
N TYR A 189 -0.49 23.32 -8.11
CA TYR A 189 -0.73 24.30 -7.06
C TYR A 189 0.56 24.91 -6.50
N ARG A 190 1.48 24.07 -6.01
CA ARG A 190 2.69 24.58 -5.38
C ARG A 190 3.82 23.57 -5.59
N VAL A 191 4.98 23.90 -5.05
CA VAL A 191 6.17 23.05 -5.13
C VAL A 191 6.45 22.51 -3.72
N LEU A 192 6.13 21.24 -3.51
CA LEU A 192 6.31 20.62 -2.20
C LEU A 192 7.76 20.11 -2.03
N GLY A 193 8.71 21.02 -2.20
CA GLY A 193 10.10 20.62 -2.18
C GLY A 193 10.57 20.10 -3.52
N LYS A 194 11.75 19.49 -3.52
CA LYS A 194 12.36 19.00 -4.75
C LYS A 194 13.51 18.06 -4.39
N GLY A 195 14.20 17.59 -5.42
CA GLY A 195 15.32 16.68 -5.26
C GLY A 195 16.20 16.67 -6.49
N GLY A 196 16.54 15.47 -6.97
CA GLY A 196 17.34 15.30 -8.17
C GLY A 196 16.47 14.82 -9.32
N PHE A 197 16.85 15.19 -10.54
CA PHE A 197 16.15 14.89 -11.78
C PHE A 197 14.82 15.64 -11.91
N GLY A 198 14.46 16.48 -10.94
CA GLY A 198 13.22 17.24 -11.02
C GLY A 198 12.83 17.80 -9.66
N GLU A 199 11.54 18.14 -9.55
CA GLU A 199 10.97 18.69 -8.32
C GLU A 199 9.60 18.06 -8.12
N VAL A 200 9.04 18.26 -6.93
CA VAL A 200 7.76 17.67 -6.55
C VAL A 200 6.76 18.79 -6.35
N CYS A 201 5.67 18.75 -7.10
CA CYS A 201 4.58 19.71 -7.01
C CYS A 201 3.43 19.10 -6.18
N ALA A 202 2.40 19.91 -5.96
CA ALA A 202 1.14 19.45 -5.40
C ALA A 202 0.06 19.68 -6.45
N CYS A 203 -0.54 18.60 -6.93
CA CYS A 203 -1.55 18.68 -7.97
C CYS A 203 -2.88 18.13 -7.47
N GLN A 204 -3.95 18.53 -8.15
CA GLN A 204 -5.30 18.13 -7.83
C GLN A 204 -6.01 17.70 -9.11
N VAL A 205 -6.82 16.66 -9.02
CA VAL A 205 -7.61 16.20 -10.16
C VAL A 205 -8.84 17.09 -10.27
N ARG A 206 -8.99 17.77 -11.40
CA ARG A 206 -10.07 18.73 -11.55
C ARG A 206 -11.44 18.08 -11.33
N ALA A 207 -11.63 16.87 -11.86
CA ALA A 207 -12.95 16.26 -11.86
C ALA A 207 -13.35 15.73 -10.49
N THR A 208 -12.39 15.18 -9.74
CA THR A 208 -12.67 14.62 -8.43
C THR A 208 -12.20 15.51 -7.29
N GLY A 209 -11.22 16.38 -7.54
CA GLY A 209 -10.73 17.27 -6.52
C GLY A 209 -9.83 16.63 -5.49
N LYS A 210 -9.26 15.47 -5.79
CA LYS A 210 -8.35 14.83 -4.84
C LYS A 210 -6.94 15.40 -4.99
N MET A 211 -6.26 15.57 -3.86
CA MET A 211 -4.91 16.09 -3.83
C MET A 211 -3.89 14.96 -3.98
N TYR A 212 -2.91 15.17 -4.84
CA TYR A 212 -1.77 14.28 -5.00
C TYR A 212 -0.50 15.12 -4.94
N ALA A 213 0.64 14.46 -5.11
CA ALA A 213 1.94 15.11 -5.20
C ALA A 213 2.56 14.73 -6.54
N CYS A 214 2.64 15.69 -7.45
CA CYS A 214 3.21 15.46 -8.77
C CYS A 214 4.73 15.48 -8.70
N LYS A 215 5.37 14.48 -9.30
CA LYS A 215 6.83 14.36 -9.34
C LYS A 215 7.26 14.66 -10.77
N ARG A 216 7.51 15.93 -11.04
CA ARG A 216 7.84 16.40 -12.38
C ARG A 216 9.32 16.16 -12.67
N LEU A 217 9.61 15.36 -13.69
CA LEU A 217 10.97 15.05 -14.11
C LEU A 217 11.26 15.73 -15.44
N GLU A 218 12.24 16.64 -15.45
CA GLU A 218 12.57 17.37 -16.67
C GLU A 218 12.99 16.41 -17.77
N LYS A 219 12.35 16.52 -18.93
CA LYS A 219 12.61 15.59 -20.03
C LYS A 219 14.05 15.73 -20.54
N LYS A 220 14.54 16.97 -20.69
CA LYS A 220 15.89 17.14 -21.22
C LYS A 220 16.96 16.79 -20.20
N ARG A 221 16.65 16.86 -18.91
CA ARG A 221 17.62 16.45 -17.90
C ARG A 221 17.75 14.94 -17.77
N ILE A 222 16.81 14.18 -18.33
CA ILE A 222 16.92 12.72 -18.30
C ILE A 222 17.81 12.23 -19.43
N LYS A 223 17.56 12.72 -20.66
CA LYS A 223 18.36 12.27 -21.79
C LYS A 223 19.83 12.63 -21.61
N LYS A 224 20.11 13.79 -21.01
CA LYS A 224 21.48 14.24 -20.84
C LYS A 224 22.25 13.29 -19.92
N ARG A 225 21.73 13.04 -18.72
CA ARG A 225 22.40 12.12 -17.80
C ARG A 225 22.24 10.66 -18.22
N LYS A 226 21.47 10.38 -19.26
CA LYS A 226 21.35 9.02 -19.79
C LYS A 226 20.81 8.05 -18.74
N GLY A 227 19.79 8.51 -18.00
CA GLY A 227 19.17 7.69 -16.96
C GLY A 227 17.74 7.34 -17.26
N GLU A 228 17.49 6.88 -18.49
CA GLU A 228 16.13 6.56 -18.91
C GLU A 228 15.61 5.32 -18.21
N SER A 229 16.46 4.28 -18.10
CA SER A 229 16.01 3.05 -17.47
C SER A 229 15.73 3.22 -15.99
N MET A 230 16.38 4.18 -15.34
CA MET A 230 16.12 4.40 -13.92
C MET A 230 14.78 5.08 -13.69
N ALA A 231 14.27 5.82 -14.68
CA ALA A 231 12.98 6.46 -14.54
C ALA A 231 11.84 5.46 -14.71
N LEU A 232 11.98 4.52 -15.65
CA LEU A 232 10.98 3.47 -15.78
C LEU A 232 11.04 2.49 -14.64
N ASN A 233 12.24 2.24 -14.09
CA ASN A 233 12.36 1.32 -12.98
C ASN A 233 11.54 1.78 -11.79
N GLU A 234 11.56 3.08 -11.50
CA GLU A 234 10.81 3.60 -10.35
C GLU A 234 9.32 3.61 -10.64
N LYS A 235 8.93 4.04 -11.85
CA LYS A 235 7.52 4.08 -12.20
C LYS A 235 6.90 2.69 -12.19
N GLN A 236 7.62 1.70 -12.73
CA GLN A 236 7.08 0.34 -12.77
C GLN A 236 7.01 -0.28 -11.37
N ILE A 237 7.94 0.09 -10.49
CA ILE A 237 7.91 -0.44 -9.13
C ILE A 237 6.78 0.21 -8.34
N LEU A 238 6.52 1.49 -8.58
CA LEU A 238 5.49 2.20 -7.82
C LEU A 238 4.09 1.71 -8.19
N GLU A 239 3.85 1.46 -9.48
CA GLU A 239 2.52 1.03 -9.91
C GLU A 239 2.23 -0.43 -9.55
N LYS A 240 3.26 -1.25 -9.38
CA LYS A 240 3.06 -2.67 -9.11
C LYS A 240 2.77 -2.95 -7.64
N VAL A 241 3.17 -2.06 -6.74
CA VAL A 241 2.95 -2.24 -5.31
C VAL A 241 1.86 -1.28 -4.87
N ASN A 242 0.89 -1.80 -4.13
CA ASN A 242 -0.17 -0.99 -3.53
C ASN A 242 -0.18 -1.32 -2.05
N SER A 243 0.33 -0.41 -1.23
CA SER A 243 0.50 -0.63 0.20
C SER A 243 0.07 0.61 0.95
N GLN A 244 -0.48 0.41 2.15
CA GLN A 244 -0.81 1.54 3.01
C GLN A 244 0.44 2.27 3.49
N PHE A 245 1.63 1.69 3.32
CA PHE A 245 2.85 2.20 3.92
C PHE A 245 3.94 2.47 2.90
N VAL A 246 3.57 2.60 1.63
CA VAL A 246 4.47 3.08 0.59
C VAL A 246 3.70 4.04 -0.30
N VAL A 247 4.36 5.10 -0.77
CA VAL A 247 3.69 6.05 -1.66
C VAL A 247 3.18 5.29 -2.88
N ASN A 248 1.89 5.49 -3.19
CA ASN A 248 1.25 4.79 -4.29
C ASN A 248 1.21 5.66 -5.53
N LEU A 249 1.49 5.04 -6.68
CA LEU A 249 1.36 5.71 -7.97
C LEU A 249 -0.09 5.61 -8.43
N ALA A 250 -0.65 6.75 -8.83
CA ALA A 250 -2.02 6.82 -9.34
C ALA A 250 -2.09 7.17 -10.81
N TYR A 251 -1.19 8.01 -11.31
CA TYR A 251 -1.14 8.38 -12.71
C TYR A 251 0.31 8.54 -13.14
N ALA A 252 0.55 8.34 -14.44
CA ALA A 252 1.84 8.62 -15.05
C ALA A 252 1.58 9.13 -16.45
N TYR A 253 2.08 10.32 -16.78
CA TYR A 253 1.80 10.92 -18.07
C TYR A 253 2.99 11.77 -18.49
N GLU A 254 3.14 11.94 -19.80
CA GLU A 254 4.16 12.80 -20.38
C GLU A 254 3.62 14.22 -20.51
N THR A 255 4.52 15.16 -20.78
CA THR A 255 4.13 16.53 -21.07
C THR A 255 5.29 17.21 -21.81
N LYS A 256 5.07 18.47 -22.18
CA LYS A 256 6.12 19.27 -22.81
C LYS A 256 7.20 19.57 -21.77
N ASP A 257 8.37 18.99 -21.95
CA ASP A 257 9.59 19.21 -21.17
C ASP A 257 9.63 18.45 -19.86
N ALA A 258 8.65 17.60 -19.54
CA ALA A 258 8.69 16.85 -18.30
C ALA A 258 7.92 15.55 -18.42
N LEU A 259 8.25 14.61 -17.53
CA LEU A 259 7.48 13.39 -17.31
C LEU A 259 7.04 13.38 -15.85
N CYS A 260 5.76 13.05 -15.62
CA CYS A 260 5.17 13.22 -14.31
C CYS A 260 4.79 11.89 -13.67
N LEU A 261 4.89 11.85 -12.35
CA LEU A 261 4.45 10.72 -11.53
C LEU A 261 3.54 11.27 -10.45
N VAL A 262 2.24 11.01 -10.56
CA VAL A 262 1.29 11.46 -9.55
C VAL A 262 1.32 10.47 -8.39
N LEU A 263 1.72 10.94 -7.21
CA LEU A 263 1.94 10.09 -6.06
C LEU A 263 1.12 10.54 -4.87
N THR A 264 1.09 9.70 -3.84
CA THR A 264 0.40 10.01 -2.61
C THR A 264 0.98 11.27 -1.97
N ILE A 265 0.11 12.20 -1.59
CA ILE A 265 0.55 13.40 -0.92
C ILE A 265 0.75 13.11 0.56
N MET A 266 1.78 13.70 1.15
CA MET A 266 2.12 13.47 2.55
C MET A 266 2.45 14.83 3.17
N ASN A 267 1.51 15.36 3.96
CA ASN A 267 1.62 16.70 4.52
C ASN A 267 2.10 16.73 5.96
N GLY A 268 2.46 15.59 6.54
CA GLY A 268 2.81 15.51 7.94
C GLY A 268 4.29 15.67 8.26
N GLY A 269 5.12 15.91 7.27
CA GLY A 269 6.55 16.03 7.48
C GLY A 269 7.24 14.67 7.54
N ASP A 270 8.55 14.70 7.36
CA ASP A 270 9.34 13.49 7.34
C ASP A 270 9.79 13.12 8.75
N LEU A 271 10.29 11.88 8.88
CA LEU A 271 10.63 11.35 10.20
C LEU A 271 11.91 11.96 10.75
N LYS A 272 12.80 12.40 9.86
CA LYS A 272 13.99 13.12 10.33
C LYS A 272 13.60 14.36 11.10
N PHE A 273 12.62 15.11 10.60
CA PHE A 273 12.19 16.33 11.27
C PHE A 273 11.65 16.02 12.67
N HIS A 274 10.87 14.95 12.80
CA HIS A 274 10.26 14.65 14.09
C HIS A 274 11.23 13.99 15.07
N ILE A 275 12.31 13.38 14.59
CA ILE A 275 13.29 12.80 15.51
C ILE A 275 14.10 13.89 16.19
N TYR A 276 14.43 14.96 15.47
CA TYR A 276 15.41 15.93 15.92
C TYR A 276 14.83 17.29 16.28
N ASN A 277 13.90 17.81 15.51
CA ASN A 277 13.33 19.12 15.81
C ASN A 277 12.18 19.01 16.81
N MET A 278 11.41 17.92 16.74
CA MET A 278 10.20 17.78 17.53
C MET A 278 10.28 16.72 18.61
N GLY A 279 11.26 15.82 18.57
CA GLY A 279 11.47 14.86 19.62
C GLY A 279 12.66 15.30 20.46
N ASN A 280 12.77 14.72 21.68
CA ASN A 280 13.89 14.97 22.60
C ASN A 280 15.08 15.48 21.80
N PRO A 281 16.10 14.69 21.66
CA PRO A 281 16.47 14.22 20.31
C PRO A 281 16.11 12.73 20.27
N GLY A 282 14.99 12.40 19.64
CA GLY A 282 14.51 11.04 19.59
C GLY A 282 13.11 10.91 20.12
N PHE A 283 12.63 9.66 20.13
CA PHE A 283 11.28 9.30 20.55
C PHE A 283 11.33 8.35 21.74
N GLU A 284 10.18 8.18 22.37
CA GLU A 284 9.99 7.08 23.31
C GLU A 284 9.95 5.76 22.55
N GLU A 285 10.23 4.67 23.27
CA GLU A 285 10.27 3.36 22.63
C GLU A 285 8.91 2.99 22.04
N GLU A 286 7.84 3.19 22.81
CA GLU A 286 6.51 2.86 22.31
C GLU A 286 6.19 3.65 21.04
N ARG A 287 6.61 4.91 20.98
CA ARG A 287 6.35 5.70 19.77
C ARG A 287 7.15 5.16 18.59
N ALA A 288 8.43 4.83 18.80
CA ALA A 288 9.23 4.25 17.72
C ALA A 288 8.68 2.90 17.31
N LEU A 289 8.14 2.14 18.26
CA LEU A 289 7.50 0.87 17.96
C LEU A 289 6.46 1.02 16.87
N PHE A 290 5.58 2.01 17.01
CA PHE A 290 4.52 2.23 16.05
C PHE A 290 5.09 2.48 14.65
N TYR A 291 6.01 3.45 14.54
CA TYR A 291 6.59 3.77 13.25
C TYR A 291 7.36 2.59 12.68
N ALA A 292 8.13 1.90 13.53
CA ALA A 292 8.86 0.73 13.05
C ALA A 292 7.91 -0.33 12.51
N ALA A 293 6.79 -0.54 13.18
CA ALA A 293 5.82 -1.54 12.73
C ALA A 293 5.28 -1.21 11.35
N GLU A 294 4.94 0.06 11.11
CA GLU A 294 4.42 0.44 9.80
C GLU A 294 5.49 0.35 8.73
N ILE A 295 6.72 0.77 9.04
CA ILE A 295 7.82 0.65 8.09
C ILE A 295 8.06 -0.81 7.75
N LEU A 296 8.04 -1.69 8.76
CA LEU A 296 8.22 -3.11 8.50
C LEU A 296 7.13 -3.66 7.60
N CYS A 297 5.92 -3.13 7.69
CA CYS A 297 4.84 -3.57 6.80
C CYS A 297 5.06 -3.03 5.38
N GLY A 298 5.47 -1.76 5.26
CA GLY A 298 5.87 -1.25 3.97
C GLY A 298 6.90 -2.13 3.29
N LEU A 299 7.98 -2.46 4.02
CA LEU A 299 9.03 -3.28 3.43
C LEU A 299 8.50 -4.65 3.01
N GLU A 300 7.60 -5.23 3.82
CA GLU A 300 7.06 -6.53 3.49
C GLU A 300 6.28 -6.49 2.18
N ASP A 301 5.53 -5.41 1.96
CA ASP A 301 4.77 -5.29 0.72
C ASP A 301 5.71 -5.16 -0.48
N LEU A 302 6.79 -4.38 -0.33
CA LEU A 302 7.78 -4.30 -1.40
C LEU A 302 8.41 -5.67 -1.65
N HIS A 303 8.84 -6.35 -0.59
CA HIS A 303 9.51 -7.63 -0.74
C HIS A 303 8.63 -8.68 -1.42
N ARG A 304 7.31 -8.54 -1.29
CA ARG A 304 6.41 -9.43 -2.02
C ARG A 304 6.61 -9.35 -3.52
N GLU A 305 7.15 -8.23 -4.02
CA GLU A 305 7.55 -8.11 -5.41
C GLU A 305 9.06 -8.31 -5.57
N ASN A 306 9.69 -9.02 -4.65
CA ASN A 306 11.13 -9.23 -4.64
C ASN A 306 11.86 -7.95 -5.02
N THR A 307 11.48 -6.85 -4.37
CA THR A 307 12.02 -5.53 -4.64
C THR A 307 12.73 -5.01 -3.40
N VAL A 308 13.89 -4.41 -3.61
CA VAL A 308 14.69 -3.84 -2.52
C VAL A 308 14.54 -2.33 -2.54
N TYR A 309 14.34 -1.74 -1.37
CA TYR A 309 14.23 -0.29 -1.27
C TYR A 309 15.61 0.35 -1.29
N ARG A 310 16.52 -0.14 -0.47
CA ARG A 310 17.93 0.24 -0.45
C ARG A 310 18.18 1.69 -0.04
N ASN A 311 17.16 2.40 0.41
CA ASN A 311 17.30 3.84 0.67
C ASN A 311 16.60 4.22 1.96
N LEU A 312 16.67 3.36 2.96
CA LEU A 312 16.06 3.65 4.25
C LEU A 312 16.89 4.68 5.01
N LYS A 313 16.31 5.85 5.22
CA LYS A 313 16.84 6.86 6.13
C LYS A 313 15.67 7.71 6.61
N PRO A 314 15.82 8.39 7.75
CA PRO A 314 14.64 9.05 8.36
C PRO A 314 13.91 9.99 7.42
N GLU A 315 14.63 10.73 6.57
CA GLU A 315 13.97 11.73 5.73
C GLU A 315 13.19 11.12 4.58
N ASN A 316 13.23 9.81 4.38
CA ASN A 316 12.42 9.15 3.37
C ASN A 316 11.16 8.53 3.94
N ILE A 317 10.92 8.66 5.24
CA ILE A 317 9.70 8.18 5.89
C ILE A 317 8.83 9.40 6.14
N LEU A 318 7.76 9.54 5.37
CA LEU A 318 6.89 10.70 5.47
C LEU A 318 5.69 10.39 6.34
N LEU A 319 5.09 11.45 6.90
CA LEU A 319 3.88 11.34 7.69
C LEU A 319 2.72 12.00 6.95
N ASP A 320 1.54 11.39 7.05
CA ASP A 320 0.36 11.92 6.39
C ASP A 320 -0.42 12.79 7.37
N ASP A 321 -1.63 13.21 6.96
CA ASP A 321 -2.42 14.11 7.78
C ASP A 321 -2.84 13.50 9.10
N TYR A 322 -2.84 12.16 9.21
CA TYR A 322 -3.34 11.47 10.39
C TYR A 322 -2.24 10.98 11.32
N GLY A 323 -0.99 11.00 10.88
CA GLY A 323 0.13 10.52 11.69
C GLY A 323 0.68 9.18 11.25
N HIS A 324 0.13 8.55 10.22
CA HIS A 324 0.69 7.32 9.68
C HIS A 324 1.80 7.64 8.70
N ILE A 325 2.66 6.65 8.44
CA ILE A 325 3.88 6.88 7.68
C ILE A 325 3.85 6.04 6.41
N ARG A 326 4.56 6.53 5.39
CA ARG A 326 4.79 5.81 4.16
C ARG A 326 6.25 5.94 3.75
N ILE A 327 6.78 4.87 3.16
CA ILE A 327 8.09 4.94 2.54
C ILE A 327 8.00 5.74 1.24
N SER A 328 9.01 6.55 0.97
CA SER A 328 9.01 7.40 -0.20
C SER A 328 10.42 7.41 -0.81
N ASP A 329 10.48 7.78 -2.09
CA ASP A 329 11.72 7.82 -2.84
C ASP A 329 12.19 6.42 -3.20
N LEU A 330 11.49 5.79 -4.13
CA LEU A 330 11.86 4.48 -4.64
C LEU A 330 12.80 4.59 -5.83
N GLY A 331 13.50 5.72 -5.97
CA GLY A 331 14.38 5.92 -7.09
C GLY A 331 15.58 5.00 -7.10
N LEU A 332 16.00 4.53 -5.92
CA LEU A 332 17.10 3.59 -5.81
C LEU A 332 16.62 2.16 -5.58
N ALA A 333 15.37 1.87 -5.92
CA ALA A 333 14.79 0.55 -5.73
C ALA A 333 14.92 -0.25 -7.02
N VAL A 334 14.99 -1.57 -6.87
CA VAL A 334 15.13 -2.48 -8.02
C VAL A 334 14.38 -3.76 -7.71
N LYS A 335 13.86 -4.38 -8.77
CA LYS A 335 13.15 -5.65 -8.66
C LYS A 335 14.13 -6.78 -8.90
N ILE A 336 14.45 -7.53 -7.86
CA ILE A 336 15.43 -8.61 -7.99
C ILE A 336 14.82 -9.75 -8.78
N PRO A 337 15.47 -10.25 -9.84
CA PRO A 337 15.01 -11.51 -10.45
C PRO A 337 15.06 -12.63 -9.43
N GLU A 338 13.91 -13.26 -9.19
CA GLU A 338 13.80 -14.28 -8.16
C GLU A 338 14.86 -15.35 -8.36
N GLY A 339 15.49 -15.75 -7.26
CA GLY A 339 16.59 -16.69 -7.30
C GLY A 339 17.92 -16.09 -7.71
N ASP A 340 17.99 -14.78 -7.92
CA ASP A 340 19.21 -14.11 -8.33
C ASP A 340 19.52 -12.99 -7.34
N LEU A 341 20.78 -12.58 -7.31
CA LEU A 341 21.23 -11.47 -6.49
C LEU A 341 21.61 -10.29 -7.38
N ILE A 342 21.92 -9.16 -6.75
CA ILE A 342 22.26 -7.94 -7.46
C ILE A 342 23.49 -7.32 -6.82
N ARG A 343 24.11 -6.40 -7.55
CA ARG A 343 25.21 -5.60 -7.05
C ARG A 343 24.88 -4.12 -7.20
N GLY A 344 25.38 -3.31 -6.27
CA GLY A 344 25.23 -1.87 -6.39
C GLY A 344 25.61 -1.12 -5.14
N ARG A 345 26.74 -0.40 -5.20
CA ARG A 345 27.15 0.49 -4.11
C ARG A 345 26.34 1.78 -4.23
N VAL A 346 25.12 1.72 -3.70
CA VAL A 346 24.20 2.85 -3.74
C VAL A 346 23.66 3.11 -2.33
N GLY A 347 23.31 4.36 -2.07
CA GLY A 347 22.66 4.74 -0.83
C GLY A 347 23.24 6.02 -0.28
N THR A 348 23.11 6.17 1.04
CA THR A 348 23.57 7.35 1.76
C THR A 348 24.63 6.94 2.77
N VAL A 349 25.62 7.81 2.97
CA VAL A 349 26.66 7.51 3.95
C VAL A 349 26.00 7.25 5.30
N GLY A 350 26.34 6.12 5.92
CA GLY A 350 25.83 5.78 7.22
C GLY A 350 24.57 4.93 7.21
N TYR A 351 23.92 4.77 6.06
CA TYR A 351 22.74 3.92 5.95
C TYR A 351 22.92 2.83 4.91
N MET A 352 24.17 2.46 4.60
CA MET A 352 24.49 1.40 3.67
C MET A 352 24.96 0.17 4.46
N ALA A 353 24.28 -0.95 4.26
CA ALA A 353 24.63 -2.18 4.93
C ALA A 353 26.01 -2.66 4.49
N PRO A 354 26.66 -3.50 5.31
CA PRO A 354 28.03 -3.93 4.97
C PRO A 354 28.14 -4.55 3.58
N GLU A 355 27.22 -5.45 3.21
CA GLU A 355 27.30 -6.09 1.91
C GLU A 355 27.25 -5.07 0.78
N VAL A 356 26.59 -3.95 1.00
CA VAL A 356 26.56 -2.90 -0.02
C VAL A 356 27.87 -2.12 -0.03
N LEU A 357 28.40 -1.78 1.14
CA LEU A 357 29.66 -1.05 1.19
C LEU A 357 30.77 -1.84 0.51
N ASN A 358 30.82 -3.15 0.75
CA ASN A 358 31.82 -4.02 0.14
C ASN A 358 31.53 -4.33 -1.32
N ASN A 359 30.43 -3.84 -1.86
CA ASN A 359 30.07 -4.07 -3.26
C ASN A 359 29.82 -5.54 -3.54
N GLN A 360 29.30 -6.26 -2.54
CA GLN A 360 29.01 -7.67 -2.71
C GLN A 360 27.67 -7.87 -3.38
N ARG A 361 27.34 -9.12 -3.66
CA ARG A 361 26.03 -9.48 -4.20
C ARG A 361 25.07 -9.72 -3.05
N TYR A 362 23.97 -8.96 -3.03
CA TYR A 362 23.02 -9.02 -1.93
C TYR A 362 21.62 -9.21 -2.48
N GLY A 363 20.68 -9.39 -1.56
CA GLY A 363 19.27 -9.51 -1.90
C GLY A 363 18.45 -8.45 -1.21
N LEU A 364 17.44 -8.87 -0.44
CA LEU A 364 16.64 -7.94 0.33
C LEU A 364 17.33 -7.48 1.61
N SER A 365 18.46 -8.08 1.96
CA SER A 365 19.04 -7.85 3.28
C SER A 365 19.36 -6.39 3.59
N PRO A 366 19.74 -5.53 2.64
CA PRO A 366 19.99 -4.13 3.01
C PRO A 366 18.80 -3.46 3.67
N ASP A 367 17.58 -3.89 3.37
CA ASP A 367 16.41 -3.22 3.94
C ASP A 367 16.21 -3.56 5.41
N TYR A 368 16.67 -4.72 5.86
CA TYR A 368 16.57 -5.05 7.28
C TYR A 368 17.70 -4.42 8.08
N TRP A 369 18.86 -4.21 7.45
CA TRP A 369 19.87 -3.35 8.07
C TRP A 369 19.31 -1.95 8.27
N GLY A 370 18.65 -1.41 7.25
CA GLY A 370 18.11 -0.06 7.35
C GLY A 370 17.06 0.06 8.42
N LEU A 371 16.22 -0.97 8.58
CA LEU A 371 15.23 -0.96 9.64
C LEU A 371 15.90 -0.91 11.01
N GLY A 372 17.01 -1.65 11.17
CA GLY A 372 17.79 -1.52 12.39
C GLY A 372 18.28 -0.10 12.62
N CYS A 373 18.81 0.52 11.56
CA CYS A 373 19.31 1.90 11.69
C CYS A 373 18.22 2.85 12.16
N LEU A 374 16.96 2.62 11.74
CA LEU A 374 15.89 3.55 12.05
C LEU A 374 15.36 3.35 13.47
N ILE A 375 15.12 2.10 13.87
CA ILE A 375 14.69 1.84 15.24
C ILE A 375 15.72 2.37 16.22
N TYR A 376 17.01 2.17 15.93
CA TYR A 376 18.05 2.70 16.79
C TYR A 376 18.00 4.23 16.82
N GLU A 377 17.95 4.85 15.64
CA GLU A 377 18.01 6.31 15.58
C GLU A 377 16.78 6.93 16.22
N MET A 378 15.61 6.31 16.03
CA MET A 378 14.40 6.83 16.66
C MET A 378 14.53 6.82 18.18
N ILE A 379 15.09 5.76 18.74
CA ILE A 379 15.10 5.61 20.18
C ILE A 379 16.21 6.44 20.82
N GLU A 380 17.38 6.50 20.18
CA GLU A 380 18.53 7.17 20.78
C GLU A 380 18.67 8.63 20.37
N GLY A 381 18.11 9.03 19.24
CA GLY A 381 18.32 10.39 18.77
C GLY A 381 19.65 10.60 18.08
N GLN A 382 20.29 9.54 17.60
CA GLN A 382 21.49 9.64 16.78
C GLN A 382 21.70 8.31 16.07
N SER A 383 22.50 8.35 15.01
CA SER A 383 22.84 7.14 14.28
C SER A 383 23.66 6.21 15.17
N PRO A 384 23.57 4.89 14.95
CA PRO A 384 24.37 3.95 15.75
C PRO A 384 25.86 3.98 15.43
N PHE A 385 26.29 4.73 14.42
CA PHE A 385 27.69 4.77 14.04
C PHE A 385 28.26 6.17 13.89
N ARG A 386 27.47 7.20 14.19
CA ARG A 386 27.99 8.56 14.21
C ARG A 386 27.15 9.37 15.19
N GLY A 387 27.82 10.01 16.13
CA GLY A 387 27.11 10.83 17.09
C GLY A 387 26.55 12.09 16.48
N ARG A 388 25.48 12.60 17.09
CA ARG A 388 24.89 13.85 16.63
C ARG A 388 25.86 15.01 16.78
N LYS A 389 26.80 14.90 17.73
CA LYS A 389 27.75 15.97 18.03
C LYS A 389 29.16 15.64 17.57
N GLU A 390 29.31 14.66 16.67
CA GLU A 390 30.61 14.13 16.29
C GLU A 390 30.96 14.56 14.87
N LYS A 391 32.17 15.10 14.71
CA LYS A 391 32.72 15.44 13.40
C LYS A 391 33.58 14.26 12.94
N VAL A 392 33.11 13.55 11.91
CA VAL A 392 33.77 12.33 11.46
C VAL A 392 33.69 12.26 9.94
N LYS A 393 34.77 11.75 9.33
CA LYS A 393 34.84 11.61 7.89
C LYS A 393 34.17 10.31 7.43
N ARG A 394 33.67 10.33 6.20
CA ARG A 394 32.95 9.19 5.63
C ARG A 394 33.66 7.87 5.91
N GLU A 395 34.97 7.83 5.65
CA GLU A 395 35.68 6.56 5.73
C GLU A 395 35.61 5.95 7.12
N GLU A 396 35.65 6.80 8.16
CA GLU A 396 35.53 6.28 9.52
C GLU A 396 34.11 5.82 9.83
N VAL A 397 33.11 6.43 9.19
CA VAL A 397 31.74 5.97 9.41
C VAL A 397 31.54 4.60 8.76
N ASP A 398 32.18 4.37 7.61
CA ASP A 398 32.07 3.08 6.94
C ASP A 398 32.87 2.00 7.69
N ARG A 399 34.05 2.35 8.18
CA ARG A 399 34.82 1.41 8.98
C ARG A 399 33.99 0.93 10.16
N ARG A 400 33.37 1.86 10.90
CA ARG A 400 32.53 1.49 12.02
C ARG A 400 31.43 0.52 11.59
N VAL A 401 30.71 0.86 10.51
CA VAL A 401 29.64 0.01 10.04
C VAL A 401 30.13 -1.41 9.75
N LEU A 402 31.41 -1.54 9.40
CA LEU A 402 31.95 -2.83 8.99
C LEU A 402 32.63 -3.61 10.11
N GLU A 403 33.03 -2.94 11.19
CA GLU A 403 33.87 -3.58 12.20
C GLU A 403 33.42 -3.33 13.63
N THR A 404 33.01 -2.10 13.96
CA THR A 404 32.67 -1.77 15.33
C THR A 404 31.25 -2.22 15.68
N GLU A 405 31.07 -2.55 16.95
CA GLU A 405 29.78 -3.01 17.46
C GLU A 405 29.08 -1.84 18.15
N GLU A 406 27.82 -1.61 17.78
CA GLU A 406 27.07 -0.49 18.32
C GLU A 406 26.78 -0.71 19.81
N VAL A 407 26.55 0.41 20.50
CA VAL A 407 26.32 0.41 21.94
C VAL A 407 24.91 0.91 22.21
N TYR A 408 24.27 0.35 23.22
CA TYR A 408 22.91 0.70 23.59
C TYR A 408 22.88 1.34 24.96
N SER A 409 21.71 1.89 25.31
CA SER A 409 21.53 2.64 26.54
C SER A 409 20.24 2.19 27.21
N HIS A 410 19.93 2.85 28.33
CA HIS A 410 18.69 2.55 29.06
C HIS A 410 17.45 3.03 28.32
N LYS A 411 17.60 3.80 27.24
CA LYS A 411 16.44 4.14 26.42
C LYS A 411 15.84 2.89 25.77
N PHE A 412 16.64 1.86 25.58
CA PHE A 412 16.18 0.61 24.97
C PHE A 412 15.77 -0.39 26.05
N SER A 413 14.62 -1.01 25.87
CA SER A 413 14.35 -2.24 26.60
C SER A 413 15.24 -3.35 26.06
N GLU A 414 15.34 -4.44 26.82
CA GLU A 414 16.08 -5.59 26.34
C GLU A 414 15.54 -6.05 24.99
N GLU A 415 14.21 -5.99 24.82
CA GLU A 415 13.60 -6.36 23.55
C GLU A 415 14.07 -5.44 22.42
N ALA A 416 14.14 -4.13 22.70
CA ALA A 416 14.58 -3.19 21.68
C ALA A 416 16.05 -3.41 21.31
N LYS A 417 16.92 -3.52 22.33
CA LYS A 417 18.32 -3.84 22.06
C LYS A 417 18.42 -5.08 21.18
N SER A 418 17.63 -6.11 21.49
CA SER A 418 17.72 -7.37 20.76
C SER A 418 17.42 -7.19 19.28
N ILE A 419 16.25 -6.64 18.96
CA ILE A 419 15.87 -6.52 17.55
C ILE A 419 16.85 -5.63 16.79
N CYS A 420 17.42 -4.64 17.46
CA CYS A 420 18.30 -3.70 16.77
C CYS A 420 19.60 -4.36 16.38
N LYS A 421 20.24 -5.08 17.31
CA LYS A 421 21.50 -5.74 16.97
C LYS A 421 21.25 -6.98 16.11
N MET A 422 20.11 -7.64 16.28
CA MET A 422 19.75 -8.71 15.35
C MET A 422 19.63 -8.18 13.92
N LEU A 423 19.02 -7.00 13.76
CA LEU A 423 18.90 -6.39 12.45
C LEU A 423 20.19 -5.72 11.98
N LEU A 424 21.06 -5.35 12.92
CA LEU A 424 22.36 -4.78 12.60
C LEU A 424 23.47 -5.84 12.57
N THR A 425 23.09 -7.11 12.43
CA THR A 425 24.08 -8.16 12.24
C THR A 425 24.82 -7.94 10.93
N LYS A 426 26.14 -7.73 11.03
CA LYS A 426 26.91 -7.37 9.84
C LYS A 426 26.91 -8.48 8.80
N ASP A 427 26.68 -9.72 9.21
CA ASP A 427 26.66 -10.87 8.30
C ASP A 427 25.23 -11.06 7.83
N ALA A 428 24.95 -10.66 6.58
CA ALA A 428 23.58 -10.70 6.07
C ALA A 428 22.96 -12.09 6.15
N LYS A 429 23.78 -13.13 6.28
CA LYS A 429 23.24 -14.49 6.38
C LYS A 429 22.63 -14.74 7.75
N GLN A 430 23.16 -14.11 8.80
CA GLN A 430 22.67 -14.27 10.16
C GLN A 430 21.69 -13.17 10.56
N ARG A 431 21.32 -12.29 9.62
CA ARG A 431 20.56 -11.10 9.94
C ARG A 431 19.06 -11.39 9.98
N LEU A 432 18.39 -10.78 10.95
CA LEU A 432 16.96 -10.99 11.11
C LEU A 432 16.21 -10.64 9.83
N GLY A 433 15.21 -11.45 9.51
CA GLY A 433 14.39 -11.24 8.32
C GLY A 433 15.05 -11.60 7.02
N CYS A 434 16.37 -11.83 6.99
CA CYS A 434 17.10 -12.18 5.79
C CYS A 434 17.11 -13.68 5.53
N GLN A 435 16.08 -14.37 6.00
CA GLN A 435 15.97 -15.81 5.86
C GLN A 435 14.76 -16.13 4.97
N GLU A 436 14.49 -17.43 4.82
CA GLU A 436 13.37 -17.87 4.01
C GLU A 436 12.04 -17.31 4.51
N GLU A 437 11.94 -17.03 5.81
CA GLU A 437 10.67 -16.59 6.37
C GLU A 437 10.38 -15.12 6.11
N GLY A 438 11.43 -14.28 6.06
CA GLY A 438 11.25 -12.88 5.72
C GLY A 438 10.67 -12.03 6.83
N ALA A 439 9.80 -11.09 6.47
CA ALA A 439 9.27 -10.13 7.43
C ALA A 439 8.54 -10.81 8.57
N ALA A 440 8.01 -12.01 8.37
CA ALA A 440 7.32 -12.70 9.44
C ALA A 440 8.26 -12.94 10.62
N GLU A 441 9.52 -13.27 10.34
CA GLU A 441 10.48 -13.49 11.42
C GLU A 441 10.67 -12.24 12.26
N VAL A 442 10.53 -11.07 11.65
CA VAL A 442 10.72 -9.81 12.39
C VAL A 442 9.47 -9.47 13.19
N LYS A 443 8.28 -9.68 12.60
CA LYS A 443 7.05 -9.41 13.33
C LYS A 443 6.91 -10.29 14.56
N ARG A 444 7.56 -11.46 14.58
CA ARG A 444 7.52 -12.34 15.72
C ARG A 444 8.48 -11.93 16.83
N HIS A 445 9.36 -10.97 16.58
CA HIS A 445 10.37 -10.62 17.56
C HIS A 445 9.72 -10.03 18.82
N PRO A 446 10.25 -10.33 20.00
CA PRO A 446 9.63 -9.80 21.24
C PRO A 446 9.47 -8.30 21.25
N PHE A 447 10.20 -7.58 20.39
CA PHE A 447 10.05 -6.13 20.34
C PHE A 447 8.64 -5.72 19.95
N PHE A 448 7.99 -6.52 19.10
CA PHE A 448 6.61 -6.28 18.70
C PHE A 448 5.62 -7.13 19.49
N ARG A 449 6.05 -7.65 20.64
CA ARG A 449 5.20 -8.55 21.42
C ARG A 449 3.83 -7.95 21.71
N ASN A 450 3.74 -6.62 21.82
CA ASN A 450 2.48 -5.96 22.13
C ASN A 450 1.87 -5.26 20.92
N MET A 451 2.32 -5.60 19.71
CA MET A 451 1.84 -4.97 18.48
C MET A 451 0.94 -5.96 17.74
N ASN A 452 -0.35 -5.64 17.66
CA ASN A 452 -1.31 -6.42 16.89
C ASN A 452 -1.26 -5.93 15.45
N PHE A 453 -0.48 -6.64 14.61
CA PHE A 453 -0.28 -6.17 13.24
C PHE A 453 -1.57 -6.17 12.42
N LYS A 454 -2.53 -7.04 12.75
CA LYS A 454 -3.78 -7.06 12.01
C LYS A 454 -4.56 -5.75 12.22
N ARG A 455 -4.64 -5.28 13.47
CA ARG A 455 -5.28 -3.99 13.72
C ARG A 455 -4.46 -2.85 13.12
N LEU A 456 -3.13 -3.00 13.07
CA LEU A 456 -2.30 -1.97 12.44
C LEU A 456 -2.55 -1.91 10.94
N GLU A 457 -2.53 -3.06 10.28
CA GLU A 457 -2.77 -3.09 8.84
C GLU A 457 -4.16 -2.58 8.49
N ALA A 458 -5.09 -2.58 9.44
CA ALA A 458 -6.43 -2.05 9.23
C ALA A 458 -6.58 -0.60 9.67
N GLY A 459 -5.50 0.03 10.13
CA GLY A 459 -5.56 1.42 10.51
C GLY A 459 -6.29 1.71 11.80
N MET A 460 -6.53 0.69 12.62
CA MET A 460 -7.32 0.86 13.84
C MET A 460 -6.50 1.36 15.03
N LEU A 461 -5.17 1.31 14.95
CA LEU A 461 -4.31 1.80 16.01
C LEU A 461 -4.04 3.28 15.80
N ASP A 462 -4.33 4.08 16.83
CA ASP A 462 -4.14 5.53 16.73
C ASP A 462 -2.66 5.86 16.65
N PRO A 463 -2.23 6.66 15.67
CA PRO A 463 -0.82 7.09 15.63
C PRO A 463 -0.44 7.85 16.87
N PRO A 464 0.85 7.90 17.21
CA PRO A 464 1.25 8.63 18.43
C PRO A 464 1.18 10.13 18.28
N PHE A 465 1.58 10.67 17.14
CA PHE A 465 1.58 12.10 16.88
C PHE A 465 0.66 12.40 15.70
N VAL A 466 -0.16 13.43 15.85
CA VAL A 466 -1.10 13.85 14.81
C VAL A 466 -0.70 15.24 14.35
N PRO A 467 -0.31 15.42 13.09
CA PRO A 467 0.02 16.77 12.61
C PRO A 467 -1.20 17.67 12.58
N ASP A 468 -0.94 18.98 12.62
CA ASP A 468 -2.01 19.95 12.48
C ASP A 468 -2.16 20.37 11.02
N PRO A 469 -3.40 20.46 10.50
CA PRO A 469 -3.56 20.71 9.05
C PRO A 469 -2.96 22.01 8.56
N ARG A 470 -2.61 22.93 9.46
CA ARG A 470 -2.16 24.25 9.08
C ARG A 470 -0.65 24.43 9.22
N ALA A 471 0.07 23.36 9.54
CA ALA A 471 1.50 23.48 9.84
C ALA A 471 2.33 23.47 8.56
N VAL A 472 3.62 23.71 8.73
CA VAL A 472 4.57 23.71 7.62
C VAL A 472 5.81 22.92 8.05
N TYR A 473 5.66 21.61 8.20
CA TYR A 473 6.76 20.74 8.63
C TYR A 473 7.76 20.51 7.51
N ASN A 490 16.64 16.12 -29.61
CA ASN A 490 15.43 16.66 -29.01
C ASN A 490 14.18 16.18 -29.78
N LEU A 491 14.38 15.78 -31.03
CA LEU A 491 13.30 15.24 -31.85
C LEU A 491 13.62 13.82 -32.31
N ASP A 492 14.35 13.07 -31.48
CA ASP A 492 14.66 11.69 -31.80
C ASP A 492 13.42 10.82 -31.69
N HIS A 493 13.52 9.60 -32.23
CA HIS A 493 12.43 8.63 -32.14
C HIS A 493 12.63 7.63 -31.02
N THR A 494 13.89 7.31 -30.67
CA THR A 494 14.13 6.44 -29.52
C THR A 494 13.53 7.02 -28.25
N ASP A 495 13.51 8.35 -28.14
CA ASP A 495 12.88 9.00 -26.99
C ASP A 495 11.36 8.81 -27.03
N ASP A 496 10.77 8.87 -28.22
CA ASP A 496 9.34 8.65 -28.35
C ASP A 496 8.95 7.28 -27.82
N ASP A 497 9.71 6.24 -28.18
CA ASP A 497 9.39 4.89 -27.73
C ASP A 497 9.54 4.77 -26.21
N PHE A 498 10.48 5.50 -25.62
CA PHE A 498 10.67 5.46 -24.18
C PHE A 498 9.51 6.11 -23.44
N TYR A 499 8.83 7.07 -24.08
CA TYR A 499 7.71 7.74 -23.42
C TYR A 499 6.48 6.83 -23.39
N SER A 500 6.18 6.16 -24.50
CA SER A 500 4.98 5.32 -24.57
C SER A 500 4.99 4.27 -23.45
N LYS A 501 6.16 3.72 -23.15
CA LYS A 501 6.25 2.70 -22.10
C LYS A 501 6.05 3.29 -20.71
N PHE A 502 6.41 4.57 -20.54
CA PHE A 502 6.29 5.24 -19.26
C PHE A 502 4.90 5.82 -19.05
N SER A 503 4.38 6.55 -20.05
CA SER A 503 3.09 7.22 -19.93
C SER A 503 1.98 6.19 -20.17
N THR A 504 1.74 5.38 -19.14
CA THR A 504 0.70 4.36 -19.20
C THR A 504 -0.65 4.85 -18.74
N GLY A 505 -0.73 6.06 -18.18
CA GLY A 505 -2.01 6.62 -17.77
C GLY A 505 -2.34 6.40 -16.31
N SER A 506 -3.62 6.16 -16.03
CA SER A 506 -4.05 5.99 -14.65
C SER A 506 -3.76 4.57 -14.17
N VAL A 507 -3.53 4.43 -12.88
CA VAL A 507 -3.31 3.13 -12.25
C VAL A 507 -4.63 2.63 -11.70
N SER A 508 -4.90 1.33 -11.94
CA SER A 508 -6.26 0.81 -11.80
C SER A 508 -6.75 0.94 -10.36
N ILE A 509 -6.11 0.25 -9.42
CA ILE A 509 -6.60 0.26 -8.05
C ILE A 509 -6.60 1.67 -7.46
N PRO A 510 -5.52 2.46 -7.56
CA PRO A 510 -5.56 3.81 -7.00
C PRO A 510 -6.64 4.69 -7.63
N TRP A 511 -6.83 4.57 -8.94
CA TRP A 511 -7.86 5.36 -9.61
C TRP A 511 -9.24 5.05 -9.05
N GLN A 512 -9.57 3.76 -8.92
CA GLN A 512 -10.88 3.38 -8.39
C GLN A 512 -11.04 3.84 -6.95
N ASN A 513 -9.98 3.73 -6.16
CA ASN A 513 -10.01 4.26 -4.80
C ASN A 513 -10.26 5.76 -4.79
N GLU A 514 -9.71 6.48 -5.78
CA GLU A 514 -9.97 7.92 -5.86
C GLU A 514 -11.45 8.18 -6.12
N MET A 515 -12.06 7.42 -7.03
CA MET A 515 -13.48 7.59 -7.31
C MET A 515 -14.30 7.37 -6.04
N ILE A 516 -13.88 6.44 -5.18
CA ILE A 516 -14.66 6.12 -3.99
C ILE A 516 -14.46 7.16 -2.91
N GLU A 517 -13.21 7.61 -2.71
CA GLU A 517 -12.93 8.56 -1.63
C GLU A 517 -13.67 9.88 -1.85
N THR A 518 -13.63 10.39 -3.08
CA THR A 518 -14.28 11.66 -3.39
C THR A 518 -15.79 11.53 -3.56
N GLU A 519 -16.35 10.35 -3.32
CA GLU A 519 -17.79 10.11 -3.44
C GLU A 519 -18.30 10.35 -4.86
N CYS A 520 -17.42 10.31 -5.86
CA CYS A 520 -17.87 10.31 -7.24
C CYS A 520 -18.61 9.01 -7.57
N PHE A 521 -18.09 7.88 -7.08
CA PHE A 521 -18.75 6.61 -7.29
C PHE A 521 -20.12 6.58 -6.63
N LYS A 522 -20.20 7.07 -5.39
CA LYS A 522 -21.49 7.08 -4.68
C LYS A 522 -22.52 7.89 -5.45
N GLU A 523 -22.09 8.98 -6.10
CA GLU A 523 -23.02 9.89 -6.76
C GLU A 523 -23.39 9.43 -8.16
N LEU A 524 -22.42 8.93 -8.94
CA LEU A 524 -22.71 8.54 -10.31
C LEU A 524 -23.31 7.14 -10.39
N ASN A 525 -22.94 6.25 -9.47
CA ASN A 525 -23.40 4.87 -9.53
C ASN A 525 -24.88 4.79 -9.19
N VAL A 526 -25.72 5.29 -10.08
CA VAL A 526 -27.17 5.31 -9.90
C VAL A 526 -27.79 4.46 -10.99
N PHE A 527 -28.65 3.53 -10.60
CA PHE A 527 -29.36 2.65 -11.52
C PHE A 527 -30.77 3.20 -11.76
N GLY A 528 -31.67 2.35 -12.23
CA GLY A 528 -33.03 2.75 -12.49
C GLY A 528 -33.92 2.55 -11.29
N PRO A 529 -35.07 3.22 -11.27
CA PRO A 529 -35.97 3.09 -10.11
C PRO A 529 -36.54 1.68 -10.01
N ASN A 530 -36.42 1.09 -8.82
CA ASN A 530 -36.95 -0.23 -8.52
C ASN A 530 -36.33 -1.30 -9.43
N GLY A 531 -35.02 -1.47 -9.24
CA GLY A 531 -34.31 -2.51 -9.99
C GLY A 531 -34.52 -2.44 -11.48
N THR A 532 -34.48 -1.24 -12.05
CA THR A 532 -34.68 -1.03 -13.47
C THR A 532 -33.36 -0.67 -14.13
N LEU A 533 -33.20 -1.08 -15.38
CA LEU A 533 -32.01 -0.72 -16.13
C LEU A 533 -32.03 0.77 -16.42
N PRO A 534 -31.03 1.54 -16.01
CA PRO A 534 -30.99 2.95 -16.40
C PRO A 534 -30.79 3.08 -17.91
N PRO A 535 -30.94 4.28 -18.46
CA PRO A 535 -30.81 4.42 -19.91
C PRO A 535 -29.44 4.02 -20.44
N ASP A 536 -28.37 4.39 -19.74
CA ASP A 536 -27.03 4.13 -20.23
C ASP A 536 -26.72 2.65 -20.34
N LEU A 537 -27.40 1.80 -19.58
CA LEU A 537 -27.14 0.37 -19.58
C LEU A 537 -28.15 -0.43 -20.40
N ASN A 538 -29.04 0.25 -21.12
CA ASN A 538 -30.06 -0.39 -21.93
C ASN A 538 -29.69 -0.25 -23.40
N ARG A 539 -29.43 -1.38 -24.06
CA ARG A 539 -29.02 -1.36 -25.45
C ARG A 539 -30.17 -1.13 -26.42
N ASN A 540 -31.40 -0.94 -25.92
CA ASN A 540 -32.53 -0.74 -26.82
C ASN A 540 -32.54 0.66 -27.43
N HIS A 541 -32.23 1.68 -26.64
CA HIS A 541 -32.21 3.05 -27.12
C HIS A 541 -30.97 3.75 -26.55
N PRO A 542 -29.90 3.87 -27.33
CA PRO A 542 -28.70 4.60 -26.90
C PRO A 542 -29.00 6.06 -26.57
#